data_7SAG
#
_entry.id   7SAG
#
_entity_poly.entity_id   1
_entity_poly.type   'polypeptide(L)'
_entity_poly.pdbx_seq_one_letter_code
;NVVPCFCVEDETSGAKTCIPDNCDASRGTNP
;
_entity_poly.pdbx_strand_id   A
#
# COMPACT_ATOMS: atom_id res chain seq x y z
N ASN A 1 -4.60 0.36 16.78
CA ASN A 1 -3.40 -0.27 16.25
C ASN A 1 -2.87 0.56 15.10
N VAL A 2 -1.59 0.82 15.10
CA VAL A 2 -0.95 1.58 14.05
C VAL A 2 -0.19 0.65 13.15
N VAL A 3 -0.56 0.62 11.90
CA VAL A 3 0.11 -0.19 10.91
C VAL A 3 0.72 0.74 9.87
N PRO A 4 2.02 1.01 9.98
CA PRO A 4 2.71 1.87 9.02
C PRO A 4 2.83 1.20 7.67
N CYS A 5 2.32 1.85 6.66
CA CYS A 5 2.40 1.32 5.34
C CYS A 5 3.25 2.21 4.47
N PHE A 6 3.81 1.62 3.48
CA PHE A 6 4.67 2.30 2.57
C PHE A 6 4.38 1.82 1.17
N CYS A 7 4.69 2.61 0.20
CA CYS A 7 4.47 2.22 -1.16
C CYS A 7 5.75 2.26 -1.93
N VAL A 8 6.03 1.16 -2.58
CA VAL A 8 7.20 1.01 -3.40
C VAL A 8 6.74 0.82 -4.81
N GLU A 9 7.27 1.59 -5.71
CA GLU A 9 6.93 1.42 -7.08
C GLU A 9 7.95 0.48 -7.69
N ASP A 10 7.47 -0.60 -8.25
CA ASP A 10 8.33 -1.56 -8.91
C ASP A 10 8.90 -0.92 -10.15
N GLU A 11 10.20 -0.97 -10.27
CA GLU A 11 10.91 -0.28 -11.31
C GLU A 11 10.81 -1.00 -12.67
N THR A 12 10.30 -2.21 -12.67
CA THR A 12 10.17 -2.95 -13.89
C THR A 12 8.76 -2.76 -14.49
N SER A 13 7.76 -3.02 -13.68
CA SER A 13 6.40 -2.95 -14.09
C SER A 13 5.83 -1.53 -13.98
N GLY A 14 6.34 -0.75 -13.04
CA GLY A 14 5.82 0.58 -12.82
C GLY A 14 4.59 0.53 -11.95
N ALA A 15 4.49 -0.54 -11.20
CA ALA A 15 3.35 -0.78 -10.34
C ALA A 15 3.64 -0.28 -8.94
N LYS A 16 2.66 0.29 -8.32
CA LYS A 16 2.80 0.82 -7.00
C LYS A 16 2.35 -0.24 -6.00
N THR A 17 3.29 -0.83 -5.35
CA THR A 17 3.02 -1.83 -4.38
C THR A 17 3.02 -1.21 -2.99
N CYS A 18 1.87 -1.12 -2.38
CA CYS A 18 1.80 -0.60 -1.05
C CYS A 18 1.73 -1.74 -0.07
N ILE A 19 2.60 -1.73 0.91
CA ILE A 19 2.65 -2.79 1.89
C ILE A 19 2.51 -2.22 3.30
N PRO A 20 1.54 -2.75 4.10
CA PRO A 20 0.54 -3.72 3.63
C PRO A 20 -0.51 -3.05 2.73
N ASP A 21 -0.97 -3.77 1.74
CA ASP A 21 -1.92 -3.23 0.74
C ASP A 21 -3.23 -2.82 1.37
N ASN A 22 -3.58 -3.45 2.47
CA ASN A 22 -4.81 -3.13 3.19
C ASN A 22 -4.78 -1.72 3.76
N CYS A 23 -3.60 -1.21 4.00
CA CYS A 23 -3.44 0.15 4.52
C CYS A 23 -3.74 1.16 3.40
N ASP A 24 -3.51 0.75 2.16
CA ASP A 24 -3.76 1.57 0.98
C ASP A 24 -5.22 1.47 0.57
N ALA A 25 -5.77 0.28 0.72
CA ALA A 25 -7.20 0.05 0.45
C ALA A 25 -8.05 0.70 1.54
N SER A 26 -7.41 0.91 2.68
CA SER A 26 -7.95 1.56 3.86
C SER A 26 -8.98 0.67 4.56
N ARG A 27 -9.38 1.08 5.73
CA ARG A 27 -10.33 0.39 6.55
C ARG A 27 -11.42 1.37 6.94
N GLY A 28 -12.27 0.97 7.87
CA GLY A 28 -13.32 1.84 8.37
C GLY A 28 -12.75 3.10 8.98
N THR A 29 -11.64 2.94 9.65
CA THR A 29 -10.93 4.05 10.19
C THR A 29 -10.18 4.78 9.07
N ASN A 30 -10.50 6.04 8.88
CA ASN A 30 -9.90 6.80 7.80
C ASN A 30 -8.56 7.40 8.21
N PRO A 31 -7.51 7.12 7.43
CA PRO A 31 -6.17 7.63 7.71
C PRO A 31 -6.04 9.11 7.37
N ASN A 1 -4.26 -0.63 16.36
CA ASN A 1 -4.82 -1.64 15.47
C ASN A 1 -4.45 -1.33 14.03
N VAL A 2 -4.38 -0.05 13.68
CA VAL A 2 -3.97 0.34 12.33
C VAL A 2 -2.48 0.63 12.28
N VAL A 3 -1.85 0.20 11.22
CA VAL A 3 -0.43 0.40 11.03
C VAL A 3 -0.20 1.19 9.74
N PRO A 4 0.84 2.04 9.70
CA PRO A 4 1.16 2.82 8.51
C PRO A 4 1.65 1.93 7.37
N CYS A 5 1.57 2.43 6.17
CA CYS A 5 1.96 1.68 5.03
C CYS A 5 3.03 2.40 4.24
N PHE A 6 3.93 1.64 3.67
CA PHE A 6 4.96 2.17 2.83
C PHE A 6 4.63 1.76 1.42
N CYS A 7 5.20 2.41 0.46
CA CYS A 7 4.91 2.07 -0.90
C CYS A 7 6.17 1.91 -1.71
N VAL A 8 6.22 0.87 -2.48
CA VAL A 8 7.30 0.63 -3.39
C VAL A 8 6.73 0.64 -4.78
N GLU A 9 7.50 0.96 -5.74
CA GLU A 9 7.03 0.99 -7.09
C GLU A 9 8.03 0.27 -7.94
N ASP A 10 7.58 -0.81 -8.52
CA ASP A 10 8.40 -1.65 -9.37
C ASP A 10 8.98 -0.82 -10.49
N GLU A 11 10.28 -0.82 -10.60
CA GLU A 11 10.96 0.01 -11.57
C GLU A 11 10.68 -0.45 -13.00
N THR A 12 10.55 -1.75 -13.22
CA THR A 12 10.37 -2.24 -14.56
C THR A 12 8.88 -2.40 -14.91
N SER A 13 8.04 -2.73 -13.94
CA SER A 13 6.62 -2.93 -14.20
C SER A 13 5.77 -1.68 -13.90
N GLY A 14 6.30 -0.76 -13.11
CA GLY A 14 5.59 0.49 -12.80
C GLY A 14 4.42 0.28 -11.85
N ALA A 15 4.44 -0.81 -11.12
CA ALA A 15 3.36 -1.13 -10.20
C ALA A 15 3.69 -0.63 -8.81
N LYS A 16 2.78 0.08 -8.20
CA LYS A 16 2.98 0.59 -6.87
C LYS A 16 2.35 -0.35 -5.85
N THR A 17 3.19 -0.93 -5.06
CA THR A 17 2.76 -1.85 -4.06
C THR A 17 2.90 -1.19 -2.68
N CYS A 18 1.79 -0.89 -2.09
CA CYS A 18 1.78 -0.34 -0.76
C CYS A 18 1.43 -1.42 0.22
N ILE A 19 2.22 -1.56 1.25
CA ILE A 19 2.06 -2.62 2.25
C ILE A 19 1.93 -2.02 3.67
N PRO A 20 0.89 -2.41 4.44
CA PRO A 20 -0.15 -3.35 3.98
C PRO A 20 -1.06 -2.74 2.92
N ASP A 21 -1.51 -3.57 2.02
CA ASP A 21 -2.30 -3.19 0.84
C ASP A 21 -3.56 -2.41 1.20
N ASN A 22 -4.27 -2.89 2.21
CA ASN A 22 -5.54 -2.30 2.66
C ASN A 22 -5.37 -0.85 3.02
N CYS A 23 -4.21 -0.51 3.55
CA CYS A 23 -3.91 0.84 3.96
C CYS A 23 -4.00 1.84 2.80
N ASP A 24 -3.64 1.39 1.61
CA ASP A 24 -3.63 2.32 0.47
C ASP A 24 -4.75 2.04 -0.52
N ALA A 25 -4.94 0.78 -0.85
CA ALA A 25 -5.92 0.39 -1.85
C ALA A 25 -7.34 0.43 -1.32
N SER A 26 -7.51 0.10 -0.05
CA SER A 26 -8.81 0.11 0.53
C SER A 26 -9.01 1.48 1.18
N ARG A 27 -9.78 2.29 0.54
CA ARG A 27 -10.01 3.64 0.98
C ARG A 27 -11.49 3.94 0.94
N GLY A 28 -12.06 4.24 2.08
CA GLY A 28 -13.45 4.54 2.15
C GLY A 28 -13.73 5.59 3.18
N THR A 29 -14.04 5.16 4.36
CA THR A 29 -14.38 6.04 5.45
C THR A 29 -13.12 6.69 6.04
N ASN A 30 -12.98 7.99 5.87
CA ASN A 30 -11.88 8.71 6.46
C ASN A 30 -12.27 9.14 7.87
N PRO A 31 -11.53 8.70 8.89
CA PRO A 31 -11.78 9.09 10.27
C PRO A 31 -11.27 10.49 10.53
N ASN A 1 -5.51 5.86 15.41
CA ASN A 1 -5.91 4.65 14.65
C ASN A 1 -5.34 4.64 13.25
N VAL A 2 -4.38 5.47 12.96
CA VAL A 2 -3.79 5.50 11.64
C VAL A 2 -2.66 4.48 11.57
N VAL A 3 -2.67 3.64 10.56
CA VAL A 3 -1.63 2.63 10.47
C VAL A 3 -0.56 3.09 9.49
N PRO A 4 0.72 2.86 9.84
CA PRO A 4 1.84 3.23 9.00
C PRO A 4 1.96 2.31 7.79
N CYS A 5 2.11 2.89 6.64
CA CYS A 5 2.26 2.14 5.44
C CYS A 5 3.22 2.83 4.50
N PHE A 6 3.88 2.04 3.72
CA PHE A 6 4.86 2.53 2.77
C PHE A 6 4.52 1.98 1.40
N CYS A 7 4.98 2.63 0.38
CA CYS A 7 4.70 2.16 -0.96
C CYS A 7 5.94 1.79 -1.72
N VAL A 8 5.92 0.61 -2.26
CA VAL A 8 7.00 0.10 -3.06
C VAL A 8 6.58 0.21 -4.52
N GLU A 9 7.50 0.44 -5.39
CA GLU A 9 7.19 0.49 -6.79
C GLU A 9 8.12 -0.42 -7.55
N ASP A 10 7.57 -1.15 -8.46
CA ASP A 10 8.35 -1.98 -9.34
C ASP A 10 8.81 -1.07 -10.45
N GLU A 11 10.09 -0.79 -10.51
CA GLU A 11 10.60 0.21 -11.46
C GLU A 11 10.70 -0.30 -12.90
N THR A 12 10.51 -1.58 -13.09
CA THR A 12 10.52 -2.14 -14.40
C THR A 12 9.10 -2.08 -15.00
N SER A 13 8.13 -2.47 -14.22
CA SER A 13 6.75 -2.48 -14.64
C SER A 13 6.09 -1.10 -14.43
N GLY A 14 6.36 -0.49 -13.30
CA GLY A 14 5.73 0.76 -12.94
C GLY A 14 4.52 0.50 -12.06
N ALA A 15 4.51 -0.65 -11.42
CA ALA A 15 3.41 -1.06 -10.56
C ALA A 15 3.67 -0.63 -9.14
N LYS A 16 2.63 -0.30 -8.41
CA LYS A 16 2.74 0.15 -7.05
C LYS A 16 2.19 -0.88 -6.09
N THR A 17 2.96 -1.22 -5.12
CA THR A 17 2.54 -2.12 -4.10
C THR A 17 2.79 -1.47 -2.74
N CYS A 18 1.76 -1.03 -2.11
CA CYS A 18 1.90 -0.45 -0.81
C CYS A 18 1.74 -1.53 0.22
N ILE A 19 2.44 -1.42 1.31
CA ILE A 19 2.36 -2.41 2.36
C ILE A 19 2.02 -1.76 3.70
N PRO A 20 0.85 -2.11 4.31
CA PRO A 20 -0.14 -3.00 3.68
C PRO A 20 -0.93 -2.27 2.59
N ASP A 21 -1.34 -3.02 1.59
CA ASP A 21 -2.05 -2.47 0.41
C ASP A 21 -3.39 -1.88 0.82
N ASN A 22 -3.94 -2.45 1.89
CA ASN A 22 -5.19 -1.98 2.51
C ASN A 22 -5.09 -0.50 2.89
N CYS A 23 -3.89 -0.06 3.26
CA CYS A 23 -3.67 1.30 3.68
C CYS A 23 -3.81 2.26 2.49
N ASP A 24 -3.40 1.79 1.32
CA ASP A 24 -3.49 2.58 0.09
C ASP A 24 -4.92 2.53 -0.44
N ALA A 25 -5.57 1.39 -0.22
CA ALA A 25 -6.98 1.21 -0.56
C ALA A 25 -7.85 2.14 0.28
N SER A 26 -7.36 2.44 1.46
CA SER A 26 -8.04 3.34 2.35
C SER A 26 -7.71 4.80 2.00
N ARG A 27 -6.44 5.07 1.75
CA ARG A 27 -6.01 6.39 1.35
C ARG A 27 -4.82 6.30 0.40
N GLY A 28 -5.03 6.77 -0.80
CA GLY A 28 -4.03 6.75 -1.84
C GLY A 28 -4.71 6.96 -3.17
N THR A 29 -4.35 8.00 -3.87
CA THR A 29 -5.02 8.34 -5.10
C THR A 29 -4.54 7.50 -6.29
N ASN A 30 -5.21 6.39 -6.46
CA ASN A 30 -5.00 5.53 -7.61
C ASN A 30 -5.94 6.01 -8.72
N PRO A 31 -5.56 5.90 -9.99
CA PRO A 31 -6.44 6.30 -11.07
C PRO A 31 -7.53 5.23 -11.34
N ASN A 1 -8.32 -4.15 9.58
CA ASN A 1 -8.27 -2.67 9.61
C ASN A 1 -7.11 -2.19 8.80
N VAL A 2 -7.02 -0.90 8.58
CA VAL A 2 -5.95 -0.35 7.80
C VAL A 2 -4.74 -0.17 8.69
N VAL A 3 -3.72 -0.91 8.40
CA VAL A 3 -2.49 -0.87 9.15
C VAL A 3 -1.47 0.00 8.43
N PRO A 4 -0.57 0.69 9.18
CA PRO A 4 0.51 1.53 8.59
C PRO A 4 1.22 0.82 7.45
N CYS A 5 1.46 1.51 6.38
CA CYS A 5 2.04 0.91 5.22
C CYS A 5 3.00 1.86 4.56
N PHE A 6 3.73 1.35 3.60
CA PHE A 6 4.62 2.14 2.81
C PHE A 6 4.40 1.74 1.37
N CYS A 7 4.57 2.66 0.46
CA CYS A 7 4.37 2.35 -0.92
C CYS A 7 5.62 2.67 -1.72
N VAL A 8 6.08 1.70 -2.45
CA VAL A 8 7.25 1.82 -3.29
C VAL A 8 6.81 1.63 -4.73
N GLU A 9 7.53 2.18 -5.64
CA GLU A 9 7.18 1.99 -7.03
C GLU A 9 8.00 0.82 -7.56
N ASP A 10 7.36 -0.05 -8.29
CA ASP A 10 8.03 -1.22 -8.85
C ASP A 10 8.78 -0.82 -10.10
N GLU A 11 10.05 -1.19 -10.18
CA GLU A 11 10.91 -0.80 -11.30
C GLU A 11 10.68 -1.63 -12.57
N THR A 12 10.06 -2.77 -12.44
CA THR A 12 9.88 -3.64 -13.58
C THR A 12 8.53 -3.37 -14.26
N SER A 13 7.48 -3.39 -13.48
CA SER A 13 6.14 -3.24 -14.00
C SER A 13 5.74 -1.76 -14.02
N GLY A 14 6.26 -0.99 -13.08
CA GLY A 14 5.90 0.41 -13.00
C GLY A 14 4.66 0.64 -12.19
N ALA A 15 4.29 -0.35 -11.41
CA ALA A 15 3.13 -0.25 -10.57
C ALA A 15 3.54 0.18 -9.18
N LYS A 16 2.60 0.67 -8.41
CA LYS A 16 2.88 1.07 -7.06
C LYS A 16 2.64 -0.11 -6.14
N THR A 17 3.64 -0.50 -5.44
CA THR A 17 3.59 -1.61 -4.54
C THR A 17 3.48 -1.10 -3.10
N CYS A 18 2.34 -1.24 -2.52
CA CYS A 18 2.15 -0.88 -1.15
C CYS A 18 2.20 -2.12 -0.30
N ILE A 19 2.91 -2.03 0.78
CA ILE A 19 3.05 -3.13 1.70
C ILE A 19 2.66 -2.65 3.09
N PRO A 20 1.64 -3.27 3.70
CA PRO A 20 0.83 -4.34 3.07
C PRO A 20 -0.15 -3.78 2.03
N ASP A 21 -0.55 -4.62 1.09
CA ASP A 21 -1.39 -4.22 -0.04
C ASP A 21 -2.80 -3.84 0.39
N ASN A 22 -3.24 -4.37 1.52
CA ASN A 22 -4.57 -4.05 2.06
C ASN A 22 -4.68 -2.55 2.36
N CYS A 23 -3.55 -1.94 2.64
CA CYS A 23 -3.48 -0.52 2.96
C CYS A 23 -3.58 0.33 1.67
N ASP A 24 -3.68 -0.33 0.54
CA ASP A 24 -3.87 0.37 -0.72
C ASP A 24 -5.29 0.20 -1.18
N ALA A 25 -5.86 -0.97 -0.90
CA ALA A 25 -7.26 -1.23 -1.20
C ALA A 25 -8.13 -0.42 -0.25
N SER A 26 -7.65 -0.25 0.95
CA SER A 26 -8.31 0.56 1.93
C SER A 26 -7.26 1.41 2.63
N ARG A 27 -7.37 2.69 2.52
CA ARG A 27 -6.44 3.58 3.15
C ARG A 27 -7.21 4.65 3.84
N GLY A 28 -7.04 4.75 5.14
CA GLY A 28 -7.81 5.68 5.92
C GLY A 28 -7.11 6.98 6.14
N THR A 29 -6.80 7.66 5.06
CA THR A 29 -6.20 8.97 5.11
C THR A 29 -6.57 9.69 3.84
N ASN A 30 -6.88 10.95 3.95
CA ASN A 30 -7.28 11.74 2.82
C ASN A 30 -6.08 12.14 1.99
N PRO A 31 -6.06 11.75 0.70
CA PRO A 31 -5.03 12.17 -0.21
C PRO A 31 -5.26 13.63 -0.64
N ASN A 1 1.80 1.41 17.34
CA ASN A 1 0.60 0.58 17.50
C ASN A 1 0.38 -0.28 16.28
N VAL A 2 0.07 0.34 15.17
CA VAL A 2 -0.18 -0.38 13.94
C VAL A 2 0.98 -0.21 13.00
N VAL A 3 1.15 -1.15 12.09
CA VAL A 3 2.20 -1.06 11.11
C VAL A 3 1.83 -0.02 10.02
N PRO A 4 2.60 1.10 9.93
CA PRO A 4 2.37 2.13 8.95
C PRO A 4 2.74 1.64 7.57
N CYS A 5 1.85 1.78 6.64
CA CYS A 5 2.07 1.29 5.31
C CYS A 5 3.00 2.18 4.52
N PHE A 6 3.69 1.59 3.62
CA PHE A 6 4.61 2.28 2.78
C PHE A 6 4.37 1.82 1.37
N CYS A 7 4.61 2.68 0.43
CA CYS A 7 4.40 2.34 -0.93
C CYS A 7 5.69 2.44 -1.69
N VAL A 8 5.99 1.40 -2.40
CA VAL A 8 7.19 1.32 -3.19
C VAL A 8 6.79 1.07 -4.62
N GLU A 9 7.59 1.47 -5.54
CA GLU A 9 7.26 1.30 -6.92
C GLU A 9 8.17 0.29 -7.55
N ASP A 10 7.61 -0.63 -8.29
CA ASP A 10 8.40 -1.63 -8.97
C ASP A 10 8.91 -1.04 -10.26
N GLU A 11 10.20 -1.08 -10.44
CA GLU A 11 10.84 -0.41 -11.57
C GLU A 11 10.54 -1.04 -12.93
N THR A 12 10.31 -2.33 -12.98
CA THR A 12 10.11 -2.94 -14.27
C THR A 12 8.60 -2.98 -14.65
N SER A 13 7.76 -3.03 -13.65
CA SER A 13 6.33 -3.04 -13.89
C SER A 13 5.78 -1.61 -13.96
N GLY A 14 6.32 -0.74 -13.12
CA GLY A 14 5.84 0.62 -13.02
C GLY A 14 4.63 0.69 -12.13
N ALA A 15 4.40 -0.39 -11.41
CA ALA A 15 3.27 -0.53 -10.55
C ALA A 15 3.63 -0.14 -9.12
N LYS A 16 2.66 0.34 -8.41
CA LYS A 16 2.80 0.75 -7.05
C LYS A 16 2.50 -0.43 -6.13
N THR A 17 3.41 -0.74 -5.28
CA THR A 17 3.24 -1.80 -4.33
C THR A 17 3.21 -1.20 -2.92
N CYS A 18 2.06 -1.15 -2.33
CA CYS A 18 1.93 -0.66 -0.99
C CYS A 18 1.89 -1.83 -0.04
N ILE A 19 2.68 -1.76 0.99
CA ILE A 19 2.71 -2.81 1.98
C ILE A 19 2.43 -2.20 3.36
N PRO A 20 1.42 -2.71 4.07
CA PRO A 20 0.50 -3.75 3.56
C PRO A 20 -0.45 -3.18 2.50
N ASP A 21 -0.82 -4.02 1.55
CA ASP A 21 -1.67 -3.62 0.42
C ASP A 21 -3.04 -3.18 0.87
N ASN A 22 -3.48 -3.73 1.98
CA ASN A 22 -4.77 -3.37 2.59
C ASN A 22 -4.86 -1.88 2.86
N CYS A 23 -3.74 -1.28 3.21
CA CYS A 23 -3.68 0.15 3.52
C CYS A 23 -3.95 1.00 2.26
N ASP A 24 -3.75 0.40 1.11
CA ASP A 24 -3.98 1.08 -0.17
C ASP A 24 -5.30 0.62 -0.79
N ALA A 25 -5.61 -0.66 -0.65
CA ALA A 25 -6.82 -1.24 -1.19
C ALA A 25 -8.06 -0.77 -0.43
N SER A 26 -7.91 -0.56 0.84
CA SER A 26 -8.97 -0.09 1.66
C SER A 26 -8.81 1.43 1.82
N ARG A 27 -9.53 2.00 2.73
CA ARG A 27 -9.46 3.41 2.98
C ARG A 27 -8.47 3.66 4.10
N GLY A 28 -7.44 4.37 3.76
CA GLY A 28 -6.39 4.64 4.71
C GLY A 28 -5.35 5.54 4.11
N THR A 29 -5.79 6.54 3.42
CA THR A 29 -4.90 7.46 2.78
C THR A 29 -4.62 8.66 3.71
N ASN A 30 -5.63 9.11 4.42
CA ASN A 30 -5.45 10.21 5.37
C ASN A 30 -5.00 9.63 6.70
N PRO A 31 -4.16 10.35 7.45
CA PRO A 31 -3.75 9.91 8.77
C PRO A 31 -4.88 10.10 9.76
N ASN A 1 -8.78 0.01 11.77
CA ASN A 1 -7.98 0.94 10.97
C ASN A 1 -6.90 0.18 10.27
N VAL A 2 -6.28 0.79 9.29
CA VAL A 2 -5.16 0.20 8.59
C VAL A 2 -3.87 0.74 9.19
N VAL A 3 -2.87 -0.09 9.29
CA VAL A 3 -1.59 0.36 9.82
C VAL A 3 -0.83 1.15 8.76
N PRO A 4 -0.05 2.17 9.21
CA PRO A 4 0.75 3.03 8.31
C PRO A 4 1.52 2.23 7.26
N CYS A 5 1.39 2.64 6.05
CA CYS A 5 1.93 1.88 4.96
C CYS A 5 2.90 2.67 4.13
N PHE A 6 3.86 1.98 3.61
CA PHE A 6 4.82 2.54 2.69
C PHE A 6 4.53 1.93 1.35
N CYS A 7 4.92 2.56 0.30
CA CYS A 7 4.63 2.06 -1.00
C CYS A 7 5.90 1.86 -1.80
N VAL A 8 6.07 0.69 -2.33
CA VAL A 8 7.21 0.38 -3.16
C VAL A 8 6.75 0.30 -4.60
N GLU A 9 7.57 0.72 -5.51
CA GLU A 9 7.19 0.71 -6.89
C GLU A 9 8.20 -0.09 -7.70
N ASP A 10 7.69 -1.03 -8.46
CA ASP A 10 8.52 -1.88 -9.30
C ASP A 10 9.16 -1.05 -10.40
N GLU A 11 10.45 -1.26 -10.58
CA GLU A 11 11.26 -0.45 -11.49
C GLU A 11 10.80 -0.52 -12.95
N THR A 12 10.53 -1.69 -13.44
CA THR A 12 10.16 -1.85 -14.83
C THR A 12 8.64 -1.84 -15.05
N SER A 13 7.90 -2.41 -14.12
CA SER A 13 6.48 -2.56 -14.29
C SER A 13 5.73 -1.24 -14.00
N GLY A 14 6.22 -0.50 -13.02
CA GLY A 14 5.54 0.74 -12.65
C GLY A 14 4.41 0.48 -11.68
N ALA A 15 4.33 -0.74 -11.21
CA ALA A 15 3.33 -1.15 -10.26
C ALA A 15 3.75 -0.72 -8.87
N LYS A 16 2.84 -0.12 -8.16
CA LYS A 16 3.12 0.34 -6.84
C LYS A 16 2.41 -0.54 -5.84
N THR A 17 3.17 -1.17 -5.02
CA THR A 17 2.64 -2.03 -4.02
C THR A 17 2.79 -1.34 -2.67
N CYS A 18 1.70 -1.01 -2.07
CA CYS A 18 1.74 -0.45 -0.77
C CYS A 18 1.70 -1.56 0.23
N ILE A 19 2.50 -1.46 1.25
CA ILE A 19 2.57 -2.48 2.26
C ILE A 19 2.28 -1.88 3.61
N PRO A 20 1.22 -2.36 4.29
CA PRO A 20 0.31 -3.40 3.76
C PRO A 20 -0.63 -2.86 2.66
N ASP A 21 -1.04 -3.73 1.76
CA ASP A 21 -1.85 -3.35 0.59
C ASP A 21 -3.24 -2.91 0.97
N ASN A 22 -3.75 -3.43 2.07
CA ASN A 22 -5.09 -3.06 2.52
C ASN A 22 -5.11 -1.62 3.00
N CYS A 23 -3.95 -1.05 3.27
CA CYS A 23 -3.83 0.33 3.68
C CYS A 23 -4.21 1.24 2.52
N ASP A 24 -4.02 0.74 1.31
CA ASP A 24 -4.35 1.49 0.12
C ASP A 24 -5.72 1.08 -0.39
N ALA A 25 -5.98 -0.23 -0.34
CA ALA A 25 -7.24 -0.80 -0.80
C ALA A 25 -8.42 -0.38 0.08
N SER A 26 -8.19 -0.26 1.37
CA SER A 26 -9.20 0.17 2.27
C SER A 26 -9.02 1.66 2.59
N ARG A 27 -9.69 2.48 1.83
CA ARG A 27 -9.60 3.90 1.96
C ARG A 27 -10.93 4.52 1.58
N GLY A 28 -11.47 5.29 2.47
CA GLY A 28 -12.71 5.94 2.24
C GLY A 28 -13.34 6.31 3.54
N THR A 29 -14.50 6.89 3.50
CA THR A 29 -15.17 7.26 4.69
C THR A 29 -16.64 6.85 4.62
N ASN A 30 -16.88 5.60 4.95
CA ASN A 30 -18.23 5.05 4.97
C ASN A 30 -18.82 5.34 6.33
N PRO A 31 -20.15 5.47 6.45
CA PRO A 31 -20.78 5.82 7.69
C PRO A 31 -21.06 4.59 8.57
N ASN A 1 1.70 -5.00 16.21
CA ASN A 1 1.17 -5.92 15.21
C ASN A 1 0.94 -5.20 13.88
N VAL A 2 0.08 -4.19 13.88
CA VAL A 2 -0.20 -3.44 12.66
C VAL A 2 0.75 -2.24 12.55
N VAL A 3 1.53 -2.23 11.52
CA VAL A 3 2.48 -1.18 11.29
C VAL A 3 2.06 -0.36 10.08
N PRO A 4 2.37 0.95 10.09
CA PRO A 4 2.09 1.82 8.96
C PRO A 4 2.75 1.28 7.69
N CYS A 5 1.97 1.05 6.68
CA CYS A 5 2.50 0.48 5.47
C CYS A 5 3.08 1.57 4.60
N PHE A 6 3.85 1.18 3.63
CA PHE A 6 4.46 2.13 2.73
C PHE A 6 4.15 1.78 1.31
N CYS A 7 4.31 2.71 0.43
CA CYS A 7 4.10 2.46 -0.96
C CYS A 7 5.35 2.85 -1.73
N VAL A 8 5.83 1.93 -2.51
CA VAL A 8 7.02 2.08 -3.30
C VAL A 8 6.65 1.76 -4.74
N GLU A 9 7.35 2.29 -5.69
CA GLU A 9 7.02 1.99 -7.05
C GLU A 9 7.95 0.92 -7.58
N ASP A 10 7.35 -0.13 -8.12
CA ASP A 10 8.07 -1.27 -8.64
C ASP A 10 8.67 -0.92 -9.98
N GLU A 11 9.94 -1.14 -10.11
CA GLU A 11 10.68 -0.76 -11.29
C GLU A 11 10.43 -1.75 -12.44
N THR A 12 10.04 -2.95 -12.08
CA THR A 12 9.87 -4.01 -13.03
C THR A 12 8.59 -3.83 -13.90
N SER A 13 7.47 -3.50 -13.27
CA SER A 13 6.24 -3.28 -13.99
C SER A 13 5.79 -1.81 -13.95
N GLY A 14 6.42 -1.01 -13.11
CA GLY A 14 6.09 0.41 -13.01
C GLY A 14 4.86 0.68 -12.16
N ALA A 15 4.41 -0.33 -11.44
CA ALA A 15 3.22 -0.23 -10.65
C ALA A 15 3.54 0.21 -9.24
N LYS A 16 2.61 0.90 -8.62
CA LYS A 16 2.79 1.33 -7.26
C LYS A 16 2.55 0.12 -6.37
N THR A 17 3.48 -0.19 -5.54
CA THR A 17 3.42 -1.35 -4.71
C THR A 17 3.35 -0.91 -3.26
N CYS A 18 2.24 -1.13 -2.64
CA CYS A 18 2.10 -0.83 -1.25
C CYS A 18 2.38 -2.10 -0.47
N ILE A 19 3.17 -1.96 0.56
CA ILE A 19 3.62 -3.08 1.33
C ILE A 19 3.27 -2.88 2.80
N PRO A 20 2.47 -3.79 3.37
CA PRO A 20 1.83 -4.90 2.63
C PRO A 20 0.66 -4.41 1.78
N ASP A 21 0.35 -5.14 0.71
CA ASP A 21 -0.74 -4.77 -0.21
C ASP A 21 -2.04 -4.75 0.55
N ASN A 22 -2.10 -5.64 1.51
CA ASN A 22 -3.25 -5.84 2.35
C ASN A 22 -3.51 -4.68 3.31
N CYS A 23 -2.65 -3.67 3.33
CA CYS A 23 -2.95 -2.52 4.16
C CYS A 23 -3.99 -1.68 3.43
N ASP A 24 -3.90 -1.71 2.10
CA ASP A 24 -4.81 -0.98 1.26
C ASP A 24 -5.98 -1.86 0.88
N ALA A 25 -5.68 -3.07 0.45
CA ALA A 25 -6.71 -4.02 0.01
C ALA A 25 -7.42 -4.67 1.19
N SER A 26 -6.88 -4.46 2.39
CA SER A 26 -7.41 -5.02 3.62
C SER A 26 -7.18 -6.55 3.64
N ARG A 27 -7.63 -7.21 4.68
CA ARG A 27 -7.43 -8.63 4.82
C ARG A 27 -8.40 -9.17 5.84
N GLY A 28 -9.25 -10.07 5.39
CA GLY A 28 -10.20 -10.67 6.27
C GLY A 28 -11.50 -9.91 6.26
N THR A 29 -12.52 -10.49 6.81
CA THR A 29 -13.79 -9.86 6.85
C THR A 29 -14.00 -9.09 8.15
N ASN A 30 -13.32 -9.54 9.19
CA ASN A 30 -13.40 -8.88 10.48
C ASN A 30 -12.38 -7.78 10.55
N PRO A 31 -12.81 -6.53 10.72
CA PRO A 31 -11.91 -5.42 10.84
C PRO A 31 -11.37 -5.32 12.28
N ASN A 1 -2.38 0.01 17.31
CA ASN A 1 -1.11 0.51 16.81
C ASN A 1 -1.20 0.66 15.31
N VAL A 2 -1.12 1.86 14.83
CA VAL A 2 -1.17 2.10 13.40
C VAL A 2 0.22 2.36 12.86
N VAL A 3 0.68 1.46 12.03
CA VAL A 3 1.99 1.55 11.47
C VAL A 3 1.94 2.33 10.16
N PRO A 4 2.78 3.36 10.01
CA PRO A 4 2.84 4.14 8.77
C PRO A 4 3.17 3.24 7.58
N CYS A 5 2.31 3.26 6.60
CA CYS A 5 2.45 2.40 5.46
C CYS A 5 3.43 2.97 4.46
N PHE A 6 3.87 2.13 3.56
CA PHE A 6 4.83 2.51 2.57
C PHE A 6 4.50 1.85 1.25
N CYS A 7 5.06 2.32 0.20
CA CYS A 7 4.81 1.76 -1.09
C CYS A 7 6.11 1.36 -1.76
N VAL A 8 6.12 0.17 -2.28
CA VAL A 8 7.22 -0.32 -3.04
C VAL A 8 6.81 -0.19 -4.49
N GLU A 9 7.46 0.68 -5.18
CA GLU A 9 7.11 0.96 -6.54
C GLU A 9 8.07 0.21 -7.44
N ASP A 10 7.54 -0.70 -8.23
CA ASP A 10 8.37 -1.52 -9.08
C ASP A 10 8.84 -0.69 -10.24
N GLU A 11 10.12 -0.66 -10.46
CA GLU A 11 10.72 0.22 -11.41
C GLU A 11 10.49 -0.21 -12.86
N THR A 12 10.53 -1.50 -13.12
CA THR A 12 10.39 -1.95 -14.48
C THR A 12 8.90 -2.08 -14.91
N SER A 13 8.05 -2.48 -14.00
CA SER A 13 6.64 -2.63 -14.28
C SER A 13 5.91 -1.30 -14.09
N GLY A 14 6.23 -0.58 -13.04
CA GLY A 14 5.54 0.65 -12.72
C GLY A 14 4.42 0.40 -11.74
N ALA A 15 4.24 -0.86 -11.40
CA ALA A 15 3.23 -1.28 -10.47
C ALA A 15 3.65 -0.89 -9.07
N LYS A 16 2.78 -0.24 -8.37
CA LYS A 16 3.10 0.21 -7.05
C LYS A 16 2.44 -0.66 -6.02
N THR A 17 3.25 -1.40 -5.32
CA THR A 17 2.79 -2.28 -4.31
C THR A 17 2.84 -1.59 -2.96
N CYS A 18 1.72 -1.20 -2.45
CA CYS A 18 1.69 -0.54 -1.17
C CYS A 18 1.45 -1.54 -0.07
N ILE A 19 2.19 -1.38 0.99
CA ILE A 19 2.16 -2.31 2.09
C ILE A 19 1.85 -1.57 3.41
N PRO A 20 0.71 -1.89 4.07
CA PRO A 20 -0.32 -2.78 3.52
C PRO A 20 -1.22 -2.03 2.53
N ASP A 21 -1.86 -2.73 1.62
CA ASP A 21 -2.69 -2.08 0.59
C ASP A 21 -3.90 -1.41 1.24
N ASN A 22 -4.34 -1.98 2.35
CA ASN A 22 -5.47 -1.49 3.14
C ASN A 22 -5.22 -0.06 3.59
N CYS A 23 -3.97 0.28 3.85
CA CYS A 23 -3.62 1.62 4.31
C CYS A 23 -3.68 2.61 3.15
N ASP A 24 -3.26 2.17 1.98
CA ASP A 24 -3.20 3.06 0.82
C ASP A 24 -4.58 3.32 0.27
N ALA A 25 -5.31 2.25 0.01
CA ALA A 25 -6.66 2.33 -0.52
C ALA A 25 -7.61 2.85 0.55
N SER A 26 -7.18 2.72 1.82
CA SER A 26 -7.91 3.20 2.99
C SER A 26 -9.22 2.42 3.17
N ARG A 27 -9.24 1.24 2.60
CA ARG A 27 -10.36 0.36 2.62
C ARG A 27 -9.84 -1.00 2.18
N GLY A 28 -10.50 -2.05 2.56
CA GLY A 28 -10.09 -3.36 2.17
C GLY A 28 -11.28 -4.24 1.94
N THR A 29 -11.05 -5.43 1.43
CA THR A 29 -12.11 -6.38 1.19
C THR A 29 -12.55 -6.99 2.52
N ASN A 30 -11.58 -7.29 3.35
CA ASN A 30 -11.82 -7.78 4.69
C ASN A 30 -11.96 -6.57 5.61
N PRO A 31 -13.12 -6.35 6.23
CA PRO A 31 -13.27 -5.28 7.18
C PRO A 31 -12.89 -5.75 8.57
N ASN A 1 -5.26 -3.01 14.98
CA ASN A 1 -5.18 -1.76 14.20
C ASN A 1 -4.37 -2.01 12.97
N VAL A 2 -4.70 -1.34 11.88
CA VAL A 2 -3.97 -1.54 10.64
C VAL A 2 -2.60 -0.85 10.66
N VAL A 3 -1.63 -1.52 10.11
CA VAL A 3 -0.27 -1.07 10.10
C VAL A 3 -0.07 -0.04 8.97
N PRO A 4 0.56 1.12 9.29
CA PRO A 4 0.88 2.16 8.30
C PRO A 4 1.66 1.57 7.13
N CYS A 5 1.14 1.75 5.96
CA CYS A 5 1.74 1.17 4.80
C CYS A 5 2.72 2.08 4.12
N PHE A 6 3.76 1.47 3.63
CA PHE A 6 4.76 2.14 2.86
C PHE A 6 4.54 1.73 1.42
N CYS A 7 5.00 2.50 0.49
CA CYS A 7 4.77 2.18 -0.89
C CYS A 7 6.07 2.17 -1.65
N VAL A 8 6.31 1.09 -2.36
CA VAL A 8 7.48 0.95 -3.18
C VAL A 8 7.08 0.81 -4.63
N GLU A 9 7.72 1.56 -5.48
CA GLU A 9 7.43 1.48 -6.88
C GLU A 9 8.34 0.52 -7.57
N ASP A 10 7.74 -0.30 -8.38
CA ASP A 10 8.43 -1.32 -9.12
C ASP A 10 8.84 -0.77 -10.46
N GLU A 11 10.13 -0.58 -10.65
CA GLU A 11 10.66 0.03 -11.88
C GLU A 11 10.55 -0.88 -13.10
N THR A 12 10.21 -2.13 -12.87
CA THR A 12 10.07 -3.07 -13.94
C THR A 12 8.65 -3.02 -14.53
N SER A 13 7.67 -3.18 -13.66
CA SER A 13 6.29 -3.29 -14.05
C SER A 13 5.58 -1.91 -14.04
N GLY A 14 6.08 -1.01 -13.22
CA GLY A 14 5.47 0.31 -13.11
C GLY A 14 4.34 0.33 -12.10
N ALA A 15 4.34 -0.65 -11.25
CA ALA A 15 3.33 -0.78 -10.22
C ALA A 15 3.81 -0.18 -8.90
N LYS A 16 2.93 0.45 -8.18
CA LYS A 16 3.26 0.97 -6.88
C LYS A 16 2.66 0.05 -5.84
N THR A 17 3.50 -0.66 -5.17
CA THR A 17 3.07 -1.63 -4.21
C THR A 17 3.09 -1.03 -2.81
N CYS A 18 1.94 -0.91 -2.22
CA CYS A 18 1.84 -0.45 -0.87
C CYS A 18 1.67 -1.63 0.04
N ILE A 19 2.47 -1.71 1.06
CA ILE A 19 2.47 -2.83 1.97
C ILE A 19 2.27 -2.35 3.41
N PRO A 20 1.24 -2.85 4.12
CA PRO A 20 0.27 -3.79 3.54
C PRO A 20 -0.76 -3.06 2.68
N ASP A 21 -1.21 -3.69 1.60
CA ASP A 21 -2.18 -3.07 0.65
C ASP A 21 -3.46 -2.80 1.40
N ASN A 22 -3.71 -3.64 2.37
CA ASN A 22 -4.91 -3.62 3.18
C ASN A 22 -4.90 -2.49 4.20
N CYS A 23 -3.91 -1.62 4.13
CA CYS A 23 -3.88 -0.42 4.97
C CYS A 23 -4.96 0.52 4.46
N ASP A 24 -5.23 0.39 3.17
CA ASP A 24 -6.21 1.20 2.47
C ASP A 24 -7.35 0.32 2.03
N ALA A 25 -7.02 -0.80 1.39
CA ALA A 25 -8.02 -1.74 0.88
C ALA A 25 -8.78 -2.46 2.01
N SER A 26 -8.15 -2.52 3.18
CA SER A 26 -8.70 -3.16 4.37
C SER A 26 -8.88 -4.69 4.21
N ARG A 27 -9.06 -5.37 5.30
CA ARG A 27 -9.30 -6.79 5.29
C ARG A 27 -10.64 -7.04 5.95
N GLY A 28 -11.53 -7.71 5.26
CA GLY A 28 -12.84 -7.98 5.79
C GLY A 28 -13.75 -8.47 4.70
N THR A 29 -13.69 -7.81 3.59
CA THR A 29 -14.42 -8.21 2.44
C THR A 29 -13.50 -8.13 1.22
N ASN A 30 -13.55 -9.16 0.41
CA ASN A 30 -12.73 -9.21 -0.79
C ASN A 30 -13.47 -8.55 -1.94
N PRO A 31 -12.80 -7.71 -2.75
CA PRO A 31 -13.39 -7.09 -3.93
C PRO A 31 -13.66 -8.14 -4.99
N ASN A 1 -2.91 -7.58 12.78
CA ASN A 1 -2.56 -6.39 13.57
C ASN A 1 -2.30 -5.25 12.62
N VAL A 2 -2.16 -4.06 13.14
CA VAL A 2 -1.89 -2.92 12.33
C VAL A 2 -0.41 -2.85 11.94
N VAL A 3 -0.16 -2.87 10.67
CA VAL A 3 1.18 -2.74 10.17
C VAL A 3 1.21 -1.54 9.22
N PRO A 4 2.05 -0.54 9.53
CA PRO A 4 2.22 0.65 8.69
C PRO A 4 2.60 0.27 7.26
N CYS A 5 1.99 0.92 6.32
CA CYS A 5 2.24 0.62 4.95
C CYS A 5 3.08 1.66 4.29
N PHE A 6 3.87 1.24 3.36
CA PHE A 6 4.76 2.10 2.63
C PHE A 6 4.60 1.72 1.18
N CYS A 7 4.52 2.68 0.32
CA CYS A 7 4.28 2.38 -1.04
C CYS A 7 5.49 2.74 -1.87
N VAL A 8 5.96 1.81 -2.63
CA VAL A 8 7.10 2.01 -3.49
C VAL A 8 6.70 1.66 -4.91
N GLU A 9 7.31 2.27 -5.87
CA GLU A 9 6.99 1.94 -7.23
C GLU A 9 7.89 0.81 -7.67
N ASP A 10 7.29 -0.25 -8.18
CA ASP A 10 8.07 -1.37 -8.66
C ASP A 10 8.75 -0.99 -9.93
N GLU A 11 10.03 -1.18 -9.96
CA GLU A 11 10.84 -0.71 -11.07
C GLU A 11 10.58 -1.48 -12.37
N THR A 12 10.26 -2.76 -12.28
CA THR A 12 10.01 -3.55 -13.47
C THR A 12 8.58 -3.34 -13.99
N SER A 13 7.62 -3.48 -13.11
CA SER A 13 6.24 -3.39 -13.47
C SER A 13 5.83 -1.94 -13.76
N GLY A 14 6.22 -1.03 -12.88
CA GLY A 14 5.83 0.35 -12.99
C GLY A 14 4.61 0.64 -12.16
N ALA A 15 4.21 -0.34 -11.40
CA ALA A 15 3.06 -0.23 -10.55
C ALA A 15 3.50 0.16 -9.16
N LYS A 16 2.69 0.93 -8.47
CA LYS A 16 3.02 1.32 -7.13
C LYS A 16 2.54 0.26 -6.16
N THR A 17 3.46 -0.39 -5.54
CA THR A 17 3.22 -1.49 -4.66
C THR A 17 3.32 -1.01 -3.23
N CYS A 18 2.27 -1.15 -2.49
CA CYS A 18 2.31 -0.79 -1.11
C CYS A 18 2.28 -2.04 -0.30
N ILE A 19 2.99 -2.01 0.79
CA ILE A 19 3.07 -3.15 1.69
C ILE A 19 2.78 -2.69 3.11
N PRO A 20 1.76 -3.28 3.78
CA PRO A 20 0.85 -4.25 3.16
C PRO A 20 -0.13 -3.59 2.17
N ASP A 21 -0.56 -4.36 1.19
CA ASP A 21 -1.40 -3.86 0.10
C ASP A 21 -2.80 -3.50 0.55
N ASN A 22 -3.28 -4.18 1.58
CA ASN A 22 -4.63 -3.94 2.12
C ASN A 22 -4.72 -2.58 2.82
N CYS A 23 -3.56 -2.00 3.08
CA CYS A 23 -3.46 -0.70 3.70
C CYS A 23 -3.54 0.40 2.62
N ASP A 24 -3.35 0.00 1.37
CA ASP A 24 -3.39 0.94 0.25
C ASP A 24 -4.76 0.95 -0.35
N ALA A 25 -5.26 -0.24 -0.64
CA ALA A 25 -6.58 -0.37 -1.22
C ALA A 25 -7.65 -0.07 -0.19
N SER A 26 -7.38 -0.47 1.06
CA SER A 26 -8.26 -0.26 2.22
C SER A 26 -9.53 -1.11 2.14
N ARG A 27 -10.33 -0.85 1.15
CA ARG A 27 -11.59 -1.51 0.99
C ARG A 27 -11.60 -2.11 -0.40
N GLY A 28 -11.85 -3.39 -0.49
CA GLY A 28 -11.88 -4.05 -1.77
C GLY A 28 -10.48 -4.36 -2.28
N THR A 29 -9.61 -4.72 -1.36
CA THR A 29 -8.24 -5.07 -1.65
C THR A 29 -8.19 -6.29 -2.61
N ASN A 30 -7.38 -6.18 -3.63
CA ASN A 30 -7.22 -7.22 -4.64
C ASN A 30 -6.23 -8.27 -4.15
N PRO A 31 -6.64 -9.53 -3.99
CA PRO A 31 -5.76 -10.59 -3.54
C PRO A 31 -4.85 -11.09 -4.67
N ASN A 1 6.13 -0.67 17.51
CA ASN A 1 4.68 -0.82 17.62
C ASN A 1 3.98 -0.16 16.42
N VAL A 2 4.69 0.73 15.74
CA VAL A 2 4.15 1.41 14.59
C VAL A 2 4.57 0.64 13.35
N VAL A 3 3.62 0.12 12.64
CA VAL A 3 3.90 -0.64 11.46
C VAL A 3 4.12 0.30 10.29
N PRO A 4 5.27 0.19 9.62
CA PRO A 4 5.56 1.02 8.47
C PRO A 4 4.67 0.64 7.30
N CYS A 5 3.94 1.59 6.82
CA CYS A 5 3.09 1.39 5.70
C CYS A 5 3.53 2.33 4.61
N PHE A 6 3.99 1.78 3.54
CA PHE A 6 4.62 2.52 2.48
C PHE A 6 4.24 1.93 1.15
N CYS A 7 4.32 2.72 0.13
CA CYS A 7 3.99 2.26 -1.19
C CYS A 7 5.21 2.34 -2.06
N VAL A 8 5.51 1.26 -2.73
CA VAL A 8 6.68 1.17 -3.56
C VAL A 8 6.30 0.77 -4.98
N GLU A 9 6.90 1.42 -5.93
CA GLU A 9 6.69 1.07 -7.31
C GLU A 9 7.80 0.19 -7.80
N ASP A 10 7.40 -0.85 -8.48
CA ASP A 10 8.31 -1.80 -9.07
C ASP A 10 9.10 -1.11 -10.15
N GLU A 11 10.39 -1.27 -10.14
CA GLU A 11 11.28 -0.57 -11.05
C GLU A 11 11.11 -1.02 -12.51
N THR A 12 10.59 -2.20 -12.72
CA THR A 12 10.47 -2.75 -14.02
C THR A 12 9.08 -2.45 -14.63
N SER A 13 8.02 -2.71 -13.88
CA SER A 13 6.67 -2.51 -14.38
C SER A 13 6.14 -1.12 -14.05
N GLY A 14 6.58 -0.58 -12.95
CA GLY A 14 6.08 0.69 -12.51
C GLY A 14 4.79 0.52 -11.74
N ALA A 15 4.57 -0.68 -11.21
CA ALA A 15 3.38 -0.96 -10.46
C ALA A 15 3.56 -0.58 -8.99
N LYS A 16 2.64 0.19 -8.47
CA LYS A 16 2.68 0.63 -7.10
C LYS A 16 2.07 -0.40 -6.17
N THR A 17 2.84 -0.85 -5.23
CA THR A 17 2.39 -1.80 -4.25
C THR A 17 2.50 -1.15 -2.88
N CYS A 18 1.42 -1.16 -2.14
CA CYS A 18 1.46 -0.62 -0.82
C CYS A 18 1.62 -1.75 0.16
N ILE A 19 2.58 -1.63 1.02
CA ILE A 19 2.90 -2.66 1.97
C ILE A 19 2.79 -2.10 3.40
N PRO A 20 1.87 -2.62 4.23
CA PRO A 20 0.86 -3.61 3.82
C PRO A 20 -0.37 -2.89 3.24
N ASP A 21 -0.97 -3.46 2.22
CA ASP A 21 -2.09 -2.83 1.50
C ASP A 21 -3.29 -2.65 2.40
N ASN A 22 -3.49 -3.60 3.31
CA ASN A 22 -4.59 -3.56 4.27
C ASN A 22 -4.49 -2.31 5.15
N CYS A 23 -3.25 -1.94 5.48
CA CYS A 23 -2.99 -0.75 6.27
C CYS A 23 -3.36 0.51 5.51
N ASP A 24 -3.09 0.50 4.21
CA ASP A 24 -3.37 1.67 3.38
C ASP A 24 -4.85 1.82 3.13
N ALA A 25 -5.51 0.71 2.84
CA ALA A 25 -6.94 0.72 2.60
C ALA A 25 -7.70 0.99 3.89
N SER A 26 -7.12 0.54 5.01
CA SER A 26 -7.66 0.75 6.35
C SER A 26 -9.04 0.09 6.50
N ARG A 27 -9.27 -0.91 5.69
CA ARG A 27 -10.53 -1.58 5.68
C ARG A 27 -10.44 -2.82 6.53
N GLY A 28 -11.22 -2.86 7.58
CA GLY A 28 -11.25 -4.00 8.44
C GLY A 28 -10.36 -3.82 9.63
N THR A 29 -10.81 -3.04 10.58
CA THR A 29 -10.07 -2.81 11.77
C THR A 29 -10.49 -3.86 12.81
N ASN A 30 -9.56 -4.67 13.25
CA ASN A 30 -9.87 -5.72 14.21
C ASN A 30 -9.76 -5.16 15.64
N PRO A 31 -10.46 -5.76 16.62
CA PRO A 31 -10.36 -5.36 18.02
C PRO A 31 -8.99 -5.72 18.60
N ASN A 1 -1.68 -2.78 17.27
CA ASN A 1 -2.42 -1.80 16.48
C ASN A 1 -2.08 -1.98 15.03
N VAL A 2 -2.85 -1.38 14.15
CA VAL A 2 -2.61 -1.50 12.73
C VAL A 2 -1.34 -0.70 12.35
N VAL A 3 -0.63 -1.16 11.34
CA VAL A 3 0.59 -0.48 10.93
C VAL A 3 0.36 0.31 9.64
N PRO A 4 0.97 1.50 9.52
CA PRO A 4 0.85 2.32 8.32
C PRO A 4 1.61 1.67 7.17
N CYS A 5 1.16 1.89 5.98
CA CYS A 5 1.79 1.27 4.86
C CYS A 5 2.64 2.22 4.06
N PHE A 6 3.70 1.69 3.55
CA PHE A 6 4.60 2.41 2.72
C PHE A 6 4.45 1.86 1.32
N CYS A 7 4.55 2.70 0.36
CA CYS A 7 4.38 2.25 -0.99
C CYS A 7 5.68 2.32 -1.75
N VAL A 8 6.01 1.22 -2.35
CA VAL A 8 7.22 1.08 -3.13
C VAL A 8 6.83 0.99 -4.58
N GLU A 9 7.69 1.40 -5.43
CA GLU A 9 7.39 1.35 -6.82
C GLU A 9 8.32 0.34 -7.46
N ASP A 10 7.76 -0.55 -8.21
CA ASP A 10 8.53 -1.52 -8.96
C ASP A 10 8.95 -0.93 -10.27
N GLU A 11 10.23 -0.98 -10.56
CA GLU A 11 10.80 -0.37 -11.74
C GLU A 11 10.49 -1.18 -13.00
N THR A 12 10.09 -2.41 -12.82
CA THR A 12 9.88 -3.33 -13.91
C THR A 12 8.54 -3.02 -14.63
N SER A 13 7.47 -3.01 -13.88
CA SER A 13 6.15 -2.81 -14.43
C SER A 13 5.60 -1.43 -14.09
N GLY A 14 6.29 -0.72 -13.21
CA GLY A 14 5.85 0.62 -12.83
C GLY A 14 4.66 0.59 -11.90
N ALA A 15 4.53 -0.47 -11.15
CA ALA A 15 3.42 -0.63 -10.24
C ALA A 15 3.80 -0.14 -8.86
N LYS A 16 2.91 0.60 -8.23
CA LYS A 16 3.12 1.05 -6.89
C LYS A 16 2.48 0.08 -5.91
N THR A 17 3.30 -0.71 -5.30
CA THR A 17 2.87 -1.71 -4.39
C THR A 17 3.00 -1.19 -2.97
N CYS A 18 1.97 -1.31 -2.22
CA CYS A 18 2.00 -0.84 -0.87
C CYS A 18 2.08 -2.02 0.08
N ILE A 19 2.93 -1.90 1.05
CA ILE A 19 3.15 -2.92 2.04
C ILE A 19 2.92 -2.34 3.42
N PRO A 20 2.09 -3.01 4.25
CA PRO A 20 1.38 -4.24 3.86
C PRO A 20 0.31 -4.01 2.80
N ASP A 21 0.08 -5.02 1.99
CA ASP A 21 -0.84 -4.95 0.86
C ASP A 21 -2.26 -4.65 1.30
N ASN A 22 -2.65 -5.26 2.43
CA ASN A 22 -3.99 -5.07 3.03
C ASN A 22 -4.29 -3.59 3.25
N CYS A 23 -3.26 -2.83 3.54
CA CYS A 23 -3.40 -1.42 3.80
C CYS A 23 -3.91 -0.67 2.58
N ASP A 24 -3.50 -1.04 1.39
CA ASP A 24 -3.96 -0.31 0.20
C ASP A 24 -5.34 -0.81 -0.19
N ALA A 25 -5.63 -2.04 0.19
CA ALA A 25 -6.91 -2.66 -0.08
C ALA A 25 -8.01 -2.10 0.81
N SER A 26 -7.69 -1.77 2.04
CA SER A 26 -8.68 -1.29 2.97
C SER A 26 -8.56 0.22 3.25
N ARG A 27 -7.36 0.74 3.15
CA ARG A 27 -7.05 2.13 3.46
C ARG A 27 -6.43 2.79 2.23
N GLY A 28 -5.91 3.99 2.43
CA GLY A 28 -5.28 4.71 1.36
C GLY A 28 -6.02 5.97 1.08
N THR A 29 -7.30 5.87 1.17
CA THR A 29 -8.17 6.97 1.00
C THR A 29 -8.52 7.55 2.36
N ASN A 30 -8.56 8.86 2.45
CA ASN A 30 -8.83 9.53 3.70
C ASN A 30 -10.22 9.18 4.23
N PRO A 31 -10.35 8.99 5.54
CA PRO A 31 -11.63 8.68 6.18
C PRO A 31 -12.61 9.84 6.07
N ASN A 1 -4.68 1.72 15.29
CA ASN A 1 -5.83 1.08 14.68
C ASN A 1 -5.39 0.30 13.45
N VAL A 2 -5.08 1.02 12.39
CA VAL A 2 -4.66 0.41 11.15
C VAL A 2 -3.14 0.27 11.14
N VAL A 3 -2.64 -0.75 10.48
CA VAL A 3 -1.22 -1.03 10.47
C VAL A 3 -0.47 -0.03 9.58
N PRO A 4 0.75 0.37 9.98
CA PRO A 4 1.57 1.30 9.20
C PRO A 4 1.98 0.70 7.86
N CYS A 5 1.94 1.49 6.82
CA CYS A 5 2.26 1.01 5.51
C CYS A 5 3.08 2.03 4.72
N PHE A 6 3.68 1.56 3.65
CA PHE A 6 4.50 2.37 2.78
C PHE A 6 4.26 1.91 1.36
N CYS A 7 4.53 2.76 0.40
CA CYS A 7 4.35 2.40 -0.99
C CYS A 7 5.67 2.44 -1.73
N VAL A 8 5.97 1.38 -2.42
CA VAL A 8 7.17 1.29 -3.22
C VAL A 8 6.75 1.07 -4.65
N GLU A 9 7.39 1.73 -5.56
CA GLU A 9 7.06 1.55 -6.93
C GLU A 9 8.00 0.53 -7.55
N ASP A 10 7.44 -0.49 -8.13
CA ASP A 10 8.21 -1.51 -8.81
C ASP A 10 8.76 -0.92 -10.09
N GLU A 11 10.02 -1.12 -10.35
CA GLU A 11 10.64 -0.45 -11.47
C GLU A 11 10.49 -1.19 -12.80
N THR A 12 10.25 -2.49 -12.78
CA THR A 12 10.14 -3.19 -14.04
C THR A 12 8.71 -3.09 -14.62
N SER A 13 7.71 -3.15 -13.76
CA SER A 13 6.35 -3.06 -14.22
C SER A 13 5.84 -1.61 -14.08
N GLY A 14 6.43 -0.87 -13.16
CA GLY A 14 6.02 0.50 -12.93
C GLY A 14 4.78 0.56 -12.06
N ALA A 15 4.54 -0.52 -11.35
CA ALA A 15 3.37 -0.65 -10.52
C ALA A 15 3.70 -0.23 -9.10
N LYS A 16 2.79 0.47 -8.48
CA LYS A 16 2.98 0.92 -7.13
C LYS A 16 2.48 -0.17 -6.19
N THR A 17 3.35 -0.68 -5.39
CA THR A 17 3.00 -1.70 -4.46
C THR A 17 3.09 -1.14 -3.04
N CYS A 18 1.97 -1.04 -2.40
CA CYS A 18 1.95 -0.57 -1.04
C CYS A 18 1.97 -1.76 -0.14
N ILE A 19 2.83 -1.72 0.85
CA ILE A 19 3.01 -2.82 1.77
C ILE A 19 2.80 -2.35 3.21
N PRO A 20 1.95 -3.04 3.99
CA PRO A 20 1.11 -4.14 3.49
C PRO A 20 0.03 -3.65 2.52
N ASP A 21 -0.29 -4.49 1.55
CA ASP A 21 -1.23 -4.19 0.48
C ASP A 21 -2.59 -3.83 1.03
N ASN A 22 -2.99 -4.54 2.05
CA ASN A 22 -4.27 -4.37 2.72
C ASN A 22 -4.46 -2.97 3.30
N CYS A 23 -3.36 -2.29 3.59
CA CYS A 23 -3.41 -0.95 4.17
C CYS A 23 -3.85 0.06 3.10
N ASP A 24 -3.58 -0.25 1.85
CA ASP A 24 -3.95 0.62 0.75
C ASP A 24 -5.23 0.12 0.11
N ALA A 25 -5.32 -1.19 -0.05
CA ALA A 25 -6.48 -1.82 -0.67
C ALA A 25 -7.74 -1.64 0.19
N SER A 26 -7.58 -1.64 1.48
CA SER A 26 -8.69 -1.40 2.34
C SER A 26 -8.71 0.09 2.67
N ARG A 27 -9.40 0.82 1.85
CA ARG A 27 -9.51 2.23 2.01
C ARG A 27 -10.78 2.53 2.77
N GLY A 28 -10.73 3.45 3.65
CA GLY A 28 -11.92 3.88 4.35
C GLY A 28 -12.30 5.23 3.86
N THR A 29 -13.52 5.64 4.11
CA THR A 29 -13.93 6.96 3.71
C THR A 29 -13.43 7.97 4.74
N ASN A 30 -13.55 7.60 6.00
CA ASN A 30 -13.09 8.42 7.09
C ASN A 30 -11.61 8.14 7.33
N PRO A 31 -10.74 9.15 7.14
CA PRO A 31 -9.30 8.99 7.33
C PRO A 31 -8.93 8.95 8.82
N ASN A 1 -3.17 -1.89 15.67
CA ASN A 1 -4.23 -0.92 15.37
C ASN A 1 -3.80 -0.05 14.21
N VAL A 2 -2.89 0.86 14.45
CA VAL A 2 -2.41 1.71 13.39
C VAL A 2 -1.22 1.02 12.75
N VAL A 3 -1.39 0.66 11.52
CA VAL A 3 -0.40 -0.09 10.81
C VAL A 3 0.46 0.85 9.98
N PRO A 4 1.75 0.99 10.33
CA PRO A 4 2.68 1.79 9.54
C PRO A 4 2.92 1.10 8.20
N CYS A 5 2.74 1.80 7.13
CA CYS A 5 2.87 1.23 5.84
C CYS A 5 3.60 2.16 4.90
N PHE A 6 4.11 1.61 3.85
CA PHE A 6 4.87 2.33 2.87
C PHE A 6 4.43 1.89 1.50
N CYS A 7 4.70 2.68 0.50
CA CYS A 7 4.32 2.31 -0.82
C CYS A 7 5.54 2.24 -1.70
N VAL A 8 5.70 1.14 -2.38
CA VAL A 8 6.83 0.91 -3.22
C VAL A 8 6.39 0.66 -4.64
N GLU A 9 7.16 1.10 -5.56
CA GLU A 9 6.85 0.96 -6.94
C GLU A 9 7.93 0.14 -7.60
N ASP A 10 7.51 -0.79 -8.39
CA ASP A 10 8.41 -1.66 -9.10
C ASP A 10 8.87 -0.92 -10.33
N GLU A 11 10.14 -0.65 -10.41
CA GLU A 11 10.70 0.14 -11.50
C GLU A 11 10.68 -0.64 -12.83
N THR A 12 10.60 -1.94 -12.75
CA THR A 12 10.61 -2.76 -13.92
C THR A 12 9.22 -2.76 -14.59
N SER A 13 8.20 -3.10 -13.83
CA SER A 13 6.84 -3.15 -14.34
C SER A 13 6.14 -1.77 -14.28
N GLY A 14 6.54 -0.95 -13.33
CA GLY A 14 5.94 0.38 -13.19
C GLY A 14 4.69 0.35 -12.33
N ALA A 15 4.51 -0.74 -11.63
CA ALA A 15 3.35 -0.92 -10.79
C ALA A 15 3.67 -0.51 -9.35
N LYS A 16 2.77 0.19 -8.72
CA LYS A 16 2.96 0.61 -7.36
C LYS A 16 2.11 -0.26 -6.45
N THR A 17 2.62 -0.54 -5.29
CA THR A 17 1.94 -1.35 -4.32
C THR A 17 2.26 -0.82 -2.93
N CYS A 18 1.29 -0.78 -2.07
CA CYS A 18 1.53 -0.35 -0.71
C CYS A 18 1.65 -1.56 0.17
N ILE A 19 2.63 -1.56 1.03
CA ILE A 19 2.89 -2.69 1.90
C ILE A 19 2.92 -2.22 3.36
N PRO A 20 2.13 -2.87 4.24
CA PRO A 20 1.16 -3.90 3.84
C PRO A 20 -0.05 -3.30 3.10
N ASP A 21 -0.59 -4.06 2.17
CA ASP A 21 -1.66 -3.60 1.27
C ASP A 21 -2.94 -3.28 2.00
N ASN A 22 -3.20 -3.99 3.10
CA ASN A 22 -4.43 -3.78 3.88
C ASN A 22 -4.44 -2.38 4.48
N CYS A 23 -3.24 -1.82 4.67
CA CYS A 23 -3.08 -0.49 5.25
C CYS A 23 -3.61 0.58 4.28
N ASP A 24 -3.62 0.29 3.00
CA ASP A 24 -4.10 1.26 2.03
C ASP A 24 -5.59 1.07 1.79
N ALA A 25 -6.04 -0.16 1.86
CA ALA A 25 -7.44 -0.48 1.65
C ALA A 25 -8.28 -0.15 2.89
N SER A 26 -7.71 -0.33 4.05
CA SER A 26 -8.40 -0.08 5.27
C SER A 26 -7.87 1.20 5.90
N ARG A 27 -8.63 2.25 5.75
CA ARG A 27 -8.35 3.53 6.34
C ARG A 27 -9.63 4.05 6.91
N GLY A 28 -9.56 5.05 7.74
CA GLY A 28 -10.75 5.58 8.37
C GLY A 28 -11.56 6.47 7.45
N THR A 29 -11.84 5.98 6.26
CA THR A 29 -12.62 6.69 5.29
C THR A 29 -14.07 6.65 5.75
N ASN A 30 -14.46 5.50 6.27
CA ASN A 30 -15.75 5.33 6.89
C ASN A 30 -15.62 5.88 8.30
N PRO A 31 -16.48 6.79 8.71
CA PRO A 31 -16.43 7.35 10.05
C PRO A 31 -17.01 6.38 11.09
N ASN A 1 -5.27 0.03 15.38
CA ASN A 1 -4.57 1.26 14.97
C ASN A 1 -4.10 1.04 13.57
N VAL A 2 -4.05 2.09 12.78
CA VAL A 2 -3.60 1.96 11.43
C VAL A 2 -2.06 1.90 11.40
N VAL A 3 -1.55 0.89 10.74
CA VAL A 3 -0.13 0.67 10.64
C VAL A 3 0.45 1.62 9.59
N PRO A 4 1.57 2.31 9.89
CA PRO A 4 2.24 3.15 8.92
C PRO A 4 2.62 2.33 7.70
N CYS A 5 2.17 2.74 6.57
CA CYS A 5 2.38 2.01 5.38
C CYS A 5 3.31 2.72 4.45
N PHE A 6 4.02 1.95 3.72
CA PHE A 6 4.94 2.43 2.75
C PHE A 6 4.52 1.90 1.42
N CYS A 7 4.89 2.55 0.38
CA CYS A 7 4.55 2.09 -0.93
C CYS A 7 5.80 1.84 -1.73
N VAL A 8 5.88 0.67 -2.27
CA VAL A 8 6.97 0.27 -3.10
C VAL A 8 6.50 0.30 -4.53
N GLU A 9 7.39 0.48 -5.44
CA GLU A 9 7.04 0.54 -6.82
C GLU A 9 8.15 -0.02 -7.65
N ASP A 10 7.84 -1.05 -8.38
CA ASP A 10 8.77 -1.72 -9.25
C ASP A 10 9.08 -0.85 -10.44
N GLU A 11 10.35 -0.67 -10.71
CA GLU A 11 10.81 0.21 -11.78
C GLU A 11 10.58 -0.44 -13.16
N THR A 12 10.47 -1.75 -13.18
CA THR A 12 10.35 -2.50 -14.42
C THR A 12 9.01 -2.22 -15.13
N SER A 13 7.93 -2.41 -14.41
CA SER A 13 6.61 -2.20 -14.97
C SER A 13 5.99 -0.91 -14.46
N GLY A 14 6.44 -0.46 -13.31
CA GLY A 14 5.84 0.70 -12.72
C GLY A 14 4.67 0.30 -11.86
N ALA A 15 4.72 -0.91 -11.35
CA ALA A 15 3.66 -1.42 -10.52
C ALA A 15 3.91 -1.01 -9.07
N LYS A 16 2.93 -0.38 -8.48
CA LYS A 16 3.04 0.09 -7.12
C LYS A 16 2.35 -0.90 -6.20
N THR A 17 2.82 -0.99 -5.00
CA THR A 17 2.23 -1.83 -3.99
C THR A 17 2.43 -1.16 -2.64
N CYS A 18 1.39 -1.01 -1.89
CA CYS A 18 1.50 -0.41 -0.58
C CYS A 18 1.35 -1.46 0.47
N ILE A 19 2.22 -1.46 1.44
CA ILE A 19 2.23 -2.45 2.49
C ILE A 19 2.23 -1.75 3.84
N PRO A 20 1.28 -2.10 4.74
CA PRO A 20 0.17 -3.03 4.43
C PRO A 20 -0.84 -2.42 3.45
N ASP A 21 -1.45 -3.27 2.64
CA ASP A 21 -2.38 -2.85 1.58
C ASP A 21 -3.56 -2.13 2.15
N ASN A 22 -4.09 -2.67 3.23
CA ASN A 22 -5.27 -2.13 3.93
C ASN A 22 -5.10 -0.66 4.30
N CYS A 23 -3.86 -0.27 4.55
CA CYS A 23 -3.56 1.09 4.94
C CYS A 23 -3.84 2.09 3.81
N ASP A 24 -3.69 1.65 2.57
CA ASP A 24 -3.93 2.54 1.43
C ASP A 24 -5.28 2.26 0.81
N ALA A 25 -5.69 1.01 0.89
CA ALA A 25 -6.95 0.57 0.34
C ALA A 25 -8.12 1.01 1.19
N SER A 26 -7.88 1.18 2.50
CA SER A 26 -8.93 1.58 3.46
C SER A 26 -9.99 0.49 3.57
N ARG A 27 -9.56 -0.75 3.39
CA ARG A 27 -10.48 -1.86 3.38
C ARG A 27 -10.53 -2.48 4.77
N GLY A 28 -11.54 -3.31 5.00
CA GLY A 28 -11.76 -3.90 6.30
C GLY A 28 -10.66 -4.84 6.73
N THR A 29 -9.99 -4.50 7.80
CA THR A 29 -8.95 -5.32 8.32
C THR A 29 -9.55 -6.29 9.34
N ASN A 30 -9.77 -7.51 8.91
CA ASN A 30 -10.38 -8.51 9.76
C ASN A 30 -9.30 -9.24 10.57
N PRO A 31 -9.54 -9.42 11.86
CA PRO A 31 -8.63 -10.14 12.75
C PRO A 31 -8.65 -11.64 12.49
N ASN A 1 -2.65 3.75 16.87
CA ASN A 1 -3.60 2.72 16.49
C ASN A 1 -3.19 2.10 15.16
N VAL A 2 -3.33 2.85 14.08
CA VAL A 2 -3.01 2.34 12.76
C VAL A 2 -1.54 2.60 12.43
N VAL A 3 -0.85 1.55 12.10
CA VAL A 3 0.53 1.61 11.73
C VAL A 3 0.61 1.97 10.25
N PRO A 4 1.43 2.94 9.86
CA PRO A 4 1.57 3.35 8.46
C PRO A 4 2.25 2.29 7.60
N CYS A 5 1.83 2.18 6.39
CA CYS A 5 2.39 1.24 5.45
C CYS A 5 3.26 2.02 4.47
N PHE A 6 3.92 1.35 3.58
CA PHE A 6 4.74 2.04 2.63
C PHE A 6 4.38 1.59 1.23
N CYS A 7 4.50 2.47 0.29
CA CYS A 7 4.23 2.17 -1.09
C CYS A 7 5.44 2.51 -1.92
N VAL A 8 5.87 1.57 -2.70
CA VAL A 8 6.99 1.76 -3.58
C VAL A 8 6.57 1.52 -5.00
N GLU A 9 7.24 2.13 -5.91
CA GLU A 9 6.97 1.93 -7.30
C GLU A 9 7.90 0.83 -7.79
N ASP A 10 7.35 -0.22 -8.34
CA ASP A 10 8.16 -1.33 -8.80
C ASP A 10 8.92 -0.92 -10.06
N GLU A 11 10.21 -1.20 -10.09
CA GLU A 11 11.06 -0.78 -11.20
C GLU A 11 10.76 -1.54 -12.48
N THR A 12 10.27 -2.75 -12.36
CA THR A 12 10.01 -3.58 -13.51
C THR A 12 8.61 -3.29 -14.08
N SER A 13 7.64 -3.30 -13.21
CA SER A 13 6.26 -3.11 -13.59
C SER A 13 5.92 -1.61 -13.72
N GLY A 14 6.32 -0.82 -12.75
CA GLY A 14 5.97 0.59 -12.75
C GLY A 14 4.79 0.85 -11.86
N ALA A 15 4.17 -0.21 -11.41
CA ALA A 15 3.01 -0.13 -10.56
C ALA A 15 3.42 0.15 -9.14
N LYS A 16 2.53 0.77 -8.40
CA LYS A 16 2.79 1.09 -7.03
C LYS A 16 2.41 -0.09 -6.15
N THR A 17 3.38 -0.66 -5.51
CA THR A 17 3.20 -1.77 -4.64
C THR A 17 3.24 -1.27 -3.20
N CYS A 18 2.15 -1.41 -2.52
CA CYS A 18 2.06 -1.03 -1.15
C CYS A 18 2.24 -2.24 -0.29
N ILE A 19 3.03 -2.11 0.74
CA ILE A 19 3.24 -3.18 1.66
C ILE A 19 2.88 -2.70 3.08
N PRO A 20 1.85 -3.30 3.69
CA PRO A 20 0.94 -4.25 3.02
C PRO A 20 -0.10 -3.50 2.19
N ASP A 21 -0.57 -4.08 1.10
CA ASP A 21 -1.54 -3.37 0.21
C ASP A 21 -2.88 -3.27 0.88
N ASN A 22 -3.06 -4.10 1.89
CA ASN A 22 -4.25 -4.11 2.72
C ASN A 22 -4.44 -2.76 3.39
N CYS A 23 -3.36 -2.03 3.61
CA CYS A 23 -3.39 -0.75 4.30
C CYS A 23 -4.17 0.26 3.46
N ASP A 24 -4.09 0.11 2.15
CA ASP A 24 -4.72 1.03 1.24
C ASP A 24 -6.14 0.61 1.01
N ALA A 25 -6.37 -0.68 1.04
CA ALA A 25 -7.72 -1.23 0.87
C ALA A 25 -8.54 -1.03 2.14
N SER A 26 -7.81 -0.76 3.24
CA SER A 26 -8.35 -0.53 4.58
C SER A 26 -8.86 -1.83 5.21
N ARG A 27 -8.65 -2.92 4.51
CA ARG A 27 -9.09 -4.25 4.90
C ARG A 27 -8.06 -5.24 4.44
N GLY A 28 -7.86 -6.28 5.20
CA GLY A 28 -6.90 -7.28 4.87
C GLY A 28 -7.56 -8.58 4.55
N THR A 29 -8.58 -8.53 3.74
CA THR A 29 -9.35 -9.68 3.41
C THR A 29 -9.55 -9.73 1.89
N ASN A 30 -8.75 -10.54 1.23
CA ASN A 30 -8.85 -10.71 -0.22
C ASN A 30 -9.94 -11.73 -0.51
N PRO A 31 -11.00 -11.35 -1.25
CA PRO A 31 -12.05 -12.30 -1.64
C PRO A 31 -11.57 -13.18 -2.81
N ASN A 1 4.54 -2.00 17.65
CA ASN A 1 3.21 -2.51 17.35
C ASN A 1 2.52 -1.69 16.26
N VAL A 2 3.01 -0.49 16.01
CA VAL A 2 2.46 0.33 14.95
C VAL A 2 3.09 -0.09 13.64
N VAL A 3 2.28 -0.43 12.68
CA VAL A 3 2.76 -0.81 11.38
C VAL A 3 2.28 0.24 10.37
N PRO A 4 3.17 1.17 10.00
CA PRO A 4 2.86 2.17 9.00
C PRO A 4 2.98 1.59 7.61
N CYS A 5 2.35 2.21 6.67
CA CYS A 5 2.43 1.75 5.32
C CYS A 5 3.40 2.54 4.49
N PHE A 6 3.93 1.87 3.53
CA PHE A 6 4.89 2.40 2.62
C PHE A 6 4.53 1.91 1.24
N CYS A 7 5.01 2.56 0.23
CA CYS A 7 4.72 2.15 -1.11
C CYS A 7 5.98 1.93 -1.89
N VAL A 8 6.07 0.78 -2.47
CA VAL A 8 7.20 0.41 -3.28
C VAL A 8 6.70 0.13 -4.67
N GLU A 9 7.10 0.94 -5.58
CA GLU A 9 6.69 0.78 -6.93
C GLU A 9 7.78 0.05 -7.67
N ASP A 10 7.39 -0.97 -8.42
CA ASP A 10 8.33 -1.77 -9.19
C ASP A 10 8.97 -0.89 -10.25
N GLU A 11 10.27 -0.95 -10.35
CA GLU A 11 10.98 -0.04 -11.23
C GLU A 11 10.83 -0.40 -12.70
N THR A 12 10.59 -1.65 -12.99
CA THR A 12 10.47 -2.09 -14.35
C THR A 12 8.99 -2.09 -14.79
N SER A 13 8.15 -2.65 -13.94
CA SER A 13 6.74 -2.78 -14.23
C SER A 13 6.03 -1.43 -14.04
N GLY A 14 6.32 -0.77 -12.94
CA GLY A 14 5.66 0.49 -12.66
C GLY A 14 4.45 0.32 -11.80
N ALA A 15 4.26 -0.88 -11.28
CA ALA A 15 3.15 -1.17 -10.41
C ALA A 15 3.47 -0.72 -8.99
N LYS A 16 2.60 0.04 -8.39
CA LYS A 16 2.84 0.56 -7.06
C LYS A 16 2.28 -0.40 -6.04
N THR A 17 3.14 -0.96 -5.26
CA THR A 17 2.75 -1.88 -4.25
C THR A 17 2.89 -1.25 -2.86
N CYS A 18 1.79 -0.90 -2.27
CA CYS A 18 1.77 -0.33 -0.95
C CYS A 18 1.54 -1.42 0.06
N ILE A 19 2.36 -1.47 1.06
CA ILE A 19 2.30 -2.52 2.05
C ILE A 19 2.17 -1.93 3.46
N PRO A 20 1.12 -2.32 4.22
CA PRO A 20 0.03 -3.15 3.70
C PRO A 20 -0.95 -2.30 2.87
N ASP A 21 -1.59 -2.93 1.88
CA ASP A 21 -2.48 -2.21 0.95
C ASP A 21 -3.65 -1.61 1.69
N ASN A 22 -4.12 -2.34 2.70
CA ASN A 22 -5.24 -1.92 3.56
C ASN A 22 -5.00 -0.55 4.15
N CYS A 23 -3.76 -0.30 4.54
CA CYS A 23 -3.36 0.94 5.17
C CYS A 23 -3.38 2.10 4.18
N ASP A 24 -3.23 1.81 2.91
CA ASP A 24 -3.19 2.88 1.93
C ASP A 24 -4.54 3.09 1.31
N ALA A 25 -5.19 2.00 0.96
CA ALA A 25 -6.52 2.03 0.34
C ALA A 25 -7.54 2.57 1.32
N SER A 26 -7.34 2.28 2.58
CA SER A 26 -8.17 2.77 3.63
C SER A 26 -7.25 3.34 4.70
N ARG A 27 -6.98 4.62 4.61
CA ARG A 27 -6.07 5.24 5.53
C ARG A 27 -6.79 6.15 6.51
N GLY A 28 -6.30 6.14 7.73
CA GLY A 28 -6.85 6.95 8.78
C GLY A 28 -5.74 7.49 9.65
N THR A 29 -6.11 8.16 10.72
CA THR A 29 -5.14 8.73 11.62
C THR A 29 -4.65 7.64 12.60
N ASN A 30 -5.57 6.83 13.07
CA ASN A 30 -5.27 5.78 14.03
C ASN A 30 -4.84 4.52 13.30
N PRO A 31 -3.61 4.05 13.54
CA PRO A 31 -3.11 2.80 12.96
C PRO A 31 -3.76 1.59 13.62
N ASN A 1 3.72 -0.61 17.67
CA ASN A 1 2.39 -1.17 17.48
C ASN A 1 1.88 -0.87 16.08
N VAL A 2 1.64 0.41 15.77
CA VAL A 2 1.17 0.78 14.46
C VAL A 2 2.32 1.02 13.51
N VAL A 3 2.29 0.36 12.39
CA VAL A 3 3.31 0.53 11.40
C VAL A 3 2.79 1.37 10.23
N PRO A 4 3.38 2.56 10.00
CA PRO A 4 3.01 3.39 8.86
C PRO A 4 3.34 2.67 7.56
N CYS A 5 2.37 2.50 6.72
CA CYS A 5 2.55 1.75 5.51
C CYS A 5 3.22 2.58 4.43
N PHE A 6 3.92 1.91 3.56
CA PHE A 6 4.69 2.54 2.53
C PHE A 6 4.32 1.94 1.19
N CYS A 7 4.67 2.60 0.13
CA CYS A 7 4.38 2.12 -1.18
C CYS A 7 5.64 1.96 -1.97
N VAL A 8 5.80 0.82 -2.59
CA VAL A 8 6.96 0.52 -3.38
C VAL A 8 6.54 0.45 -4.83
N GLU A 9 7.19 1.18 -5.67
CA GLU A 9 6.92 1.14 -7.08
C GLU A 9 7.97 0.26 -7.74
N ASP A 10 7.54 -0.85 -8.30
CA ASP A 10 8.41 -1.78 -9.01
C ASP A 10 9.03 -1.06 -10.20
N GLU A 11 10.35 -1.05 -10.24
CA GLU A 11 11.09 -0.30 -11.26
C GLU A 11 10.92 -0.88 -12.68
N THR A 12 10.38 -2.06 -12.79
CA THR A 12 10.23 -2.68 -14.06
C THR A 12 8.85 -2.37 -14.66
N SER A 13 7.81 -2.65 -13.92
CA SER A 13 6.46 -2.46 -14.41
C SER A 13 5.96 -1.05 -14.15
N GLY A 14 6.42 -0.46 -13.07
CA GLY A 14 5.93 0.82 -12.66
C GLY A 14 4.71 0.64 -11.77
N ALA A 15 4.52 -0.58 -11.30
CA ALA A 15 3.40 -0.93 -10.46
C ALA A 15 3.69 -0.53 -9.03
N LYS A 16 2.70 0.02 -8.39
CA LYS A 16 2.85 0.47 -7.05
C LYS A 16 2.20 -0.52 -6.09
N THR A 17 2.99 -1.08 -5.24
CA THR A 17 2.55 -2.03 -4.28
C THR A 17 2.72 -1.45 -2.88
N CYS A 18 1.63 -1.19 -2.21
CA CYS A 18 1.69 -0.64 -0.88
C CYS A 18 1.70 -1.74 0.16
N ILE A 19 2.64 -1.65 1.07
CA ILE A 19 2.88 -2.68 2.08
C ILE A 19 2.85 -2.04 3.48
N PRO A 20 2.14 -2.68 4.45
CA PRO A 20 1.34 -3.88 4.19
C PRO A 20 0.11 -3.56 3.34
N ASP A 21 -0.27 -4.51 2.50
CA ASP A 21 -1.34 -4.34 1.51
C ASP A 21 -2.67 -3.94 2.14
N ASN A 22 -2.94 -4.45 3.34
CA ASN A 22 -4.16 -4.14 4.07
C ASN A 22 -4.26 -2.69 4.47
N CYS A 23 -3.13 -2.02 4.59
CA CYS A 23 -3.12 -0.62 5.00
C CYS A 23 -3.66 0.26 3.88
N ASP A 24 -3.50 -0.21 2.65
CA ASP A 24 -4.01 0.51 1.48
C ASP A 24 -5.41 0.00 1.12
N ALA A 25 -5.65 -1.26 1.44
CA ALA A 25 -6.91 -1.91 1.14
C ALA A 25 -8.02 -1.43 2.07
N SER A 26 -7.66 -1.11 3.30
CA SER A 26 -8.62 -0.63 4.27
C SER A 26 -9.05 0.80 3.94
N ARG A 27 -10.30 0.98 3.66
CA ARG A 27 -10.83 2.29 3.36
C ARG A 27 -11.48 2.88 4.59
N GLY A 28 -11.79 4.14 4.52
CA GLY A 28 -12.35 4.83 5.64
C GLY A 28 -11.50 6.03 5.95
N THR A 29 -10.27 5.76 6.25
CA THR A 29 -9.30 6.79 6.46
C THR A 29 -8.66 7.09 5.10
N ASN A 30 -8.43 6.03 4.35
CA ASN A 30 -7.96 6.12 2.98
C ASN A 30 -9.13 6.48 2.11
N PRO A 31 -8.98 7.48 1.26
CA PRO A 31 -10.07 7.94 0.41
C PRO A 31 -10.17 7.14 -0.89
N ASN A 1 -4.92 -0.08 16.26
CA ASN A 1 -4.01 0.99 15.81
C ASN A 1 -4.14 1.16 14.32
N VAL A 2 -3.68 2.27 13.81
CA VAL A 2 -3.58 2.44 12.40
C VAL A 2 -2.20 1.92 11.97
N VAL A 3 -2.18 1.00 11.05
CA VAL A 3 -0.94 0.41 10.61
C VAL A 3 -0.15 1.34 9.69
N PRO A 4 1.18 1.42 9.87
CA PRO A 4 2.04 2.23 9.02
C PRO A 4 2.23 1.55 7.66
N CYS A 5 2.05 2.28 6.61
CA CYS A 5 2.19 1.73 5.30
C CYS A 5 3.16 2.52 4.46
N PHE A 6 3.80 1.84 3.57
CA PHE A 6 4.77 2.43 2.67
C PHE A 6 4.49 1.88 1.29
N CYS A 7 4.88 2.60 0.28
CA CYS A 7 4.65 2.16 -1.06
C CYS A 7 5.95 2.02 -1.80
N VAL A 8 6.13 0.88 -2.38
CA VAL A 8 7.26 0.61 -3.22
C VAL A 8 6.75 0.50 -4.62
N GLU A 9 7.53 0.78 -5.58
CA GLU A 9 7.06 0.67 -6.94
C GLU A 9 8.05 -0.11 -7.74
N ASP A 10 7.58 -1.11 -8.43
CA ASP A 10 8.46 -1.95 -9.22
C ASP A 10 8.95 -1.16 -10.40
N GLU A 11 10.23 -0.81 -10.38
CA GLU A 11 10.87 0.05 -11.39
C GLU A 11 10.64 -0.40 -12.84
N THR A 12 10.47 -1.68 -13.04
CA THR A 12 10.28 -2.21 -14.36
C THR A 12 8.81 -2.14 -14.78
N SER A 13 7.94 -2.65 -13.94
CA SER A 13 6.54 -2.74 -14.27
C SER A 13 5.82 -1.38 -14.09
N GLY A 14 6.26 -0.62 -13.12
CA GLY A 14 5.61 0.63 -12.78
C GLY A 14 4.41 0.37 -11.92
N ALA A 15 4.43 -0.76 -11.24
CA ALA A 15 3.37 -1.14 -10.37
C ALA A 15 3.71 -0.71 -8.96
N LYS A 16 2.84 0.05 -8.36
CA LYS A 16 3.06 0.52 -7.03
C LYS A 16 2.44 -0.45 -6.06
N THR A 17 3.21 -0.97 -5.19
CA THR A 17 2.76 -1.91 -4.22
C THR A 17 2.88 -1.27 -2.83
N CYS A 18 1.77 -1.04 -2.21
CA CYS A 18 1.76 -0.45 -0.92
C CYS A 18 1.56 -1.52 0.11
N ILE A 19 2.39 -1.50 1.13
CA ILE A 19 2.33 -2.50 2.16
C ILE A 19 2.14 -1.85 3.53
N PRO A 20 1.06 -2.19 4.26
CA PRO A 20 -0.02 -3.03 3.73
C PRO A 20 -0.95 -2.23 2.82
N ASP A 21 -1.49 -2.89 1.83
CA ASP A 21 -2.35 -2.25 0.81
C ASP A 21 -3.62 -1.73 1.41
N ASN A 22 -4.10 -2.41 2.43
CA ASN A 22 -5.32 -2.02 3.13
C ASN A 22 -5.18 -0.64 3.76
N CYS A 23 -3.95 -0.27 4.06
CA CYS A 23 -3.66 1.03 4.62
C CYS A 23 -3.74 2.11 3.54
N ASP A 24 -3.40 1.74 2.32
CA ASP A 24 -3.45 2.69 1.20
C ASP A 24 -4.89 2.86 0.74
N ALA A 25 -5.67 1.81 0.94
CA ALA A 25 -7.09 1.83 0.65
C ALA A 25 -7.82 2.66 1.72
N SER A 26 -7.28 2.67 2.92
CA SER A 26 -7.82 3.46 3.99
C SER A 26 -7.47 4.93 3.75
N ARG A 27 -8.48 5.74 3.65
CA ARG A 27 -8.31 7.12 3.33
C ARG A 27 -9.06 7.98 4.33
N GLY A 28 -8.34 8.79 5.06
CA GLY A 28 -8.94 9.65 6.03
C GLY A 28 -7.95 10.59 6.67
N THR A 29 -7.31 11.38 5.85
CA THR A 29 -6.37 12.36 6.30
C THR A 29 -6.67 13.70 5.62
N ASN A 30 -6.97 14.70 6.41
CA ASN A 30 -7.36 15.99 5.88
C ASN A 30 -6.14 16.86 5.62
N PRO A 31 -6.20 17.75 4.61
CA PRO A 31 -5.08 18.63 4.25
C PRO A 31 -4.80 19.65 5.34
N ASN A 1 -10.15 4.36 10.61
CA ASN A 1 -8.77 4.83 10.46
C ASN A 1 -8.02 3.87 9.57
N VAL A 2 -7.26 4.41 8.63
CA VAL A 2 -6.49 3.61 7.70
C VAL A 2 -5.29 2.96 8.40
N VAL A 3 -4.97 1.75 8.00
CA VAL A 3 -3.86 1.01 8.56
C VAL A 3 -2.51 1.54 8.01
N PRO A 4 -1.53 1.82 8.91
CA PRO A 4 -0.16 2.25 8.55
C PRO A 4 0.45 1.36 7.45
N CYS A 5 1.03 1.99 6.45
CA CYS A 5 1.59 1.27 5.34
C CYS A 5 2.84 1.98 4.81
N PHE A 6 3.45 1.39 3.82
CA PHE A 6 4.57 1.99 3.13
C PHE A 6 4.41 1.67 1.66
N CYS A 7 4.99 2.47 0.81
CA CYS A 7 4.88 2.25 -0.62
C CYS A 7 6.22 2.39 -1.31
N VAL A 8 6.47 1.49 -2.22
CA VAL A 8 7.65 1.49 -3.05
C VAL A 8 7.21 1.17 -4.47
N GLU A 9 7.81 1.73 -5.47
CA GLU A 9 7.37 1.49 -6.82
C GLU A 9 8.31 0.54 -7.54
N ASP A 10 7.74 -0.36 -8.32
CA ASP A 10 8.50 -1.30 -9.11
C ASP A 10 8.79 -0.68 -10.46
N GLU A 11 10.03 -0.69 -10.85
CA GLU A 11 10.45 -0.03 -12.08
C GLU A 11 10.32 -0.93 -13.30
N THR A 12 10.04 -2.19 -13.08
CA THR A 12 9.95 -3.13 -14.16
C THR A 12 8.52 -3.16 -14.73
N SER A 13 7.54 -3.24 -13.86
CA SER A 13 6.16 -3.31 -14.24
C SER A 13 5.46 -1.94 -14.05
N GLY A 14 6.12 -1.02 -13.36
CA GLY A 14 5.55 0.29 -13.11
C GLY A 14 4.42 0.23 -12.11
N ALA A 15 4.47 -0.77 -11.28
CA ALA A 15 3.45 -1.01 -10.29
C ALA A 15 3.88 -0.42 -8.97
N LYS A 16 2.99 0.29 -8.33
CA LYS A 16 3.30 0.86 -7.05
C LYS A 16 2.90 -0.14 -5.98
N THR A 17 3.86 -0.61 -5.25
CA THR A 17 3.65 -1.63 -4.28
C THR A 17 3.48 -1.00 -2.90
N CYS A 18 2.29 -0.97 -2.43
CA CYS A 18 2.01 -0.50 -1.12
C CYS A 18 1.71 -1.68 -0.26
N ILE A 19 2.27 -1.73 0.91
CA ILE A 19 2.02 -2.81 1.82
C ILE A 19 1.55 -2.26 3.15
N PRO A 20 0.31 -2.59 3.57
CA PRO A 20 -0.65 -3.38 2.75
C PRO A 20 -1.26 -2.56 1.59
N ASP A 21 -1.62 -3.24 0.53
CA ASP A 21 -2.12 -2.61 -0.71
C ASP A 21 -3.45 -1.87 -0.50
N ASN A 22 -4.24 -2.36 0.45
CA ASN A 22 -5.54 -1.76 0.77
C ASN A 22 -5.36 -0.37 1.38
N CYS A 23 -4.17 -0.05 1.81
CA CYS A 23 -3.88 1.25 2.38
C CYS A 23 -3.79 2.30 1.27
N ASP A 24 -3.56 1.86 0.04
CA ASP A 24 -3.44 2.79 -1.08
C ASP A 24 -4.70 2.80 -1.91
N ALA A 25 -5.16 1.62 -2.28
CA ALA A 25 -6.32 1.51 -3.15
C ALA A 25 -7.63 1.45 -2.38
N SER A 26 -7.57 1.52 -1.08
CA SER A 26 -8.78 1.53 -0.30
C SER A 26 -8.62 2.54 0.84
N ARG A 27 -9.71 2.92 1.44
CA ARG A 27 -9.68 3.89 2.49
C ARG A 27 -10.21 3.32 3.78
N GLY A 28 -9.41 3.43 4.80
CA GLY A 28 -9.79 2.94 6.10
C GLY A 28 -10.37 4.04 6.95
N THR A 29 -10.06 5.25 6.59
CA THR A 29 -10.59 6.39 7.25
C THR A 29 -11.84 6.87 6.52
N ASN A 30 -12.98 6.60 7.12
CA ASN A 30 -14.24 6.97 6.54
C ASN A 30 -14.61 8.39 6.95
N PRO A 31 -15.24 9.15 6.06
CA PRO A 31 -15.78 10.46 6.38
C PRO A 31 -17.05 10.31 7.21
#